data_5Z1Q
#
_entry.id   5Z1Q
#
_cell.length_a   42.945
_cell.length_b   43.045
_cell.length_c   43.087
_cell.angle_alpha   106.88
_cell.angle_beta   106.89
_cell.angle_gamma   106.61
#
_symmetry.space_group_name_H-M   'P 1'
#
loop_
_entity.id
_entity.type
_entity.pdbx_description
1 polymer 'Centrin protein'
2 non-polymer 'CALCIUM ION'
3 non-polymer 'CHLORIDE ION'
4 water water
#
_entity_poly.entity_id   1
_entity_poly.type   'polypeptide(L)'
_entity_poly.pdbx_seq_one_letter_code
;(MSE)IKKPEFGL(MSE)QPPKKRVRQELSEEQKQEIKEAFDLFDTNKTGSIDYHELKVA(MSE)RALGFDVKKPEILEL
(MSE)NEYDREGNGYIGFDDFLDI(MSE)TEKIKN
;
_entity_poly.pdbx_strand_id   A,B,C
#
loop_
_chem_comp.id
_chem_comp.type
_chem_comp.name
_chem_comp.formula
CA non-polymer 'CALCIUM ION' 'Ca 2'
CL non-polymer 'CHLORIDE ION' 'Cl -1'
#
# COMPACT_ATOMS: atom_id res chain seq x y z
N LEU A 21 5.78 -10.76 -11.94
CA LEU A 21 6.36 -11.99 -12.49
C LEU A 21 7.84 -12.09 -12.14
N SER A 22 8.52 -10.95 -12.08
CA SER A 22 9.92 -10.94 -11.74
C SER A 22 10.12 -11.25 -10.25
N GLU A 23 11.38 -11.53 -9.89
CA GLU A 23 11.68 -11.85 -8.49
C GLU A 23 11.42 -10.65 -7.59
N GLU A 24 11.70 -9.45 -8.08
CA GLU A 24 11.39 -8.25 -7.30
C GLU A 24 9.89 -8.10 -7.09
N GLN A 25 9.10 -8.36 -8.13
CA GLN A 25 7.65 -8.22 -8.01
C GLN A 25 7.07 -9.31 -7.12
N LYS A 26 7.63 -10.52 -7.15
CA LYS A 26 7.13 -11.60 -6.31
C LYS A 26 7.42 -11.34 -4.84
N GLN A 27 8.57 -10.72 -4.55
CA GLN A 27 8.90 -10.41 -3.16
C GLN A 27 7.93 -9.39 -2.58
N GLU A 28 7.60 -8.34 -3.35
CA GLU A 28 6.66 -7.33 -2.89
C GLU A 28 5.30 -7.95 -2.59
N ILE A 29 4.85 -8.86 -3.45
CA ILE A 29 3.59 -9.57 -3.20
C ILE A 29 3.72 -10.44 -1.95
N LYS A 30 4.90 -11.02 -1.74
CA LYS A 30 5.13 -11.81 -0.54
C LYS A 30 5.12 -10.93 0.71
N GLU A 31 5.62 -9.70 0.62
CA GLU A 31 5.61 -8.80 1.76
C GLU A 31 4.18 -8.47 2.19
N ALA A 32 3.28 -8.28 1.23
CA ALA A 32 1.90 -7.99 1.56
C ALA A 32 1.22 -9.19 2.23
N PHE A 33 1.59 -10.40 1.81
CA PHE A 33 1.00 -11.60 2.41
C PHE A 33 1.51 -11.80 3.82
N ASP A 34 2.82 -11.65 4.04
CA ASP A 34 3.40 -11.88 5.35
C ASP A 34 2.99 -10.82 6.37
N LEU A 35 2.55 -9.64 5.90
CA LEU A 35 2.15 -8.59 6.84
C LEU A 35 0.86 -8.94 7.56
N PHE A 36 -0.08 -9.56 6.86
CA PHE A 36 -1.39 -9.91 7.43
C PHE A 36 -1.52 -11.39 7.71
N ASP A 37 -0.41 -12.13 7.69
CA ASP A 37 -0.38 -13.53 8.10
C ASP A 37 -0.09 -13.56 9.59
N THR A 38 -1.16 -13.46 10.38
CA THR A 38 -1.05 -13.30 11.83
C THR A 38 -0.49 -14.53 12.53
N ASN A 39 -1.20 -15.65 12.44
CA ASN A 39 -0.87 -16.82 13.23
C ASN A 39 0.39 -17.53 12.75
N LYS A 40 1.19 -16.85 11.92
CA LYS A 40 2.39 -17.39 11.29
C LYS A 40 2.11 -18.66 10.48
N THR A 41 0.85 -18.87 10.10
CA THR A 41 0.51 -19.96 9.20
C THR A 41 0.79 -19.50 7.78
N GLY A 42 0.43 -20.33 6.80
CA GLY A 42 0.68 -19.99 5.42
C GLY A 42 -0.59 -19.52 4.75
N SER A 43 -1.52 -18.98 5.53
CA SER A 43 -2.88 -18.75 5.09
C SER A 43 -3.35 -17.37 5.50
N ILE A 44 -4.38 -16.90 4.81
CA ILE A 44 -5.09 -15.67 5.14
C ILE A 44 -6.59 -15.93 4.97
N ASP A 45 -7.41 -15.32 5.82
CA ASP A 45 -8.85 -15.49 5.75
C ASP A 45 -9.44 -14.29 5.01
N TYR A 46 -10.77 -14.23 4.92
CA TYR A 46 -11.43 -13.16 4.18
C TYR A 46 -10.90 -11.76 4.48
N HIS A 47 -10.92 -11.36 5.76
CA HIS A 47 -10.55 -10.01 6.13
C HIS A 47 -9.09 -9.71 5.79
N GLU A 48 -8.22 -10.70 5.93
CA GLU A 48 -6.80 -10.48 5.64
C GLU A 48 -6.54 -10.39 4.15
N LEU A 49 -7.37 -11.03 3.32
CA LEU A 49 -7.24 -10.89 1.88
C LEU A 49 -7.63 -9.49 1.42
N LYS A 50 -8.64 -8.89 2.07
CA LYS A 50 -9.09 -7.57 1.68
C LYS A 50 -8.02 -6.52 1.92
N VAL A 51 -7.44 -6.50 3.11
CA VAL A 51 -6.44 -5.49 3.43
C VAL A 51 -5.14 -5.73 2.68
N ALA A 52 -4.82 -6.99 2.38
CA ALA A 52 -3.61 -7.29 1.63
C ALA A 52 -3.69 -6.75 0.21
N MSE A 53 -4.83 -6.92 -0.44
CA MSE A 53 -5.03 -6.41 -1.80
C MSE A 53 -5.10 -4.89 -1.79
O MSE A 53 -4.61 -4.24 -2.71
CB MSE A 53 -6.29 -7.01 -2.42
CG MSE A 53 -6.26 -8.52 -2.53
SE MSE A 53 -7.77 -9.27 -3.52
CE MSE A 53 -7.28 -8.67 -5.31
N ARG A 54 -5.71 -4.33 -0.75
CA ARG A 54 -5.76 -2.87 -0.62
C ARG A 54 -4.38 -2.30 -0.33
N ALA A 55 -3.53 -3.07 0.36
CA ALA A 55 -2.14 -2.65 0.58
C ALA A 55 -1.32 -2.69 -0.69
N LEU A 56 -1.82 -3.35 -1.75
CA LEU A 56 -1.15 -3.36 -3.04
C LEU A 56 -1.80 -2.41 -4.03
N GLY A 57 -2.73 -1.56 -3.57
CA GLY A 57 -3.33 -0.54 -4.41
C GLY A 57 -4.64 -0.90 -5.06
N PHE A 58 -5.27 -2.01 -4.67
CA PHE A 58 -6.51 -2.47 -5.29
C PHE A 58 -7.64 -2.31 -4.29
N ASP A 59 -8.59 -1.42 -4.59
CA ASP A 59 -9.74 -1.16 -3.72
C ASP A 59 -10.82 -2.22 -4.00
N VAL A 60 -10.53 -3.43 -3.53
CA VAL A 60 -11.46 -4.54 -3.68
C VAL A 60 -12.58 -4.43 -2.65
N LYS A 61 -13.77 -4.86 -3.03
CA LYS A 61 -14.93 -4.86 -2.15
C LYS A 61 -15.41 -6.28 -1.92
N LYS A 62 -16.36 -6.40 -0.99
CA LYS A 62 -16.80 -7.71 -0.51
C LYS A 62 -17.22 -8.70 -1.59
N PRO A 63 -18.03 -8.32 -2.59
CA PRO A 63 -18.42 -9.32 -3.60
C PRO A 63 -17.24 -9.89 -4.38
N GLU A 64 -16.21 -9.07 -4.64
CA GLU A 64 -15.05 -9.57 -5.37
C GLU A 64 -14.21 -10.49 -4.49
N ILE A 65 -14.11 -10.16 -3.19
CA ILE A 65 -13.28 -10.97 -2.29
C ILE A 65 -13.91 -12.34 -2.07
N LEU A 66 -15.22 -12.39 -1.82
CA LEU A 66 -15.90 -13.67 -1.64
C LEU A 66 -15.81 -14.51 -2.91
N GLU A 67 -15.81 -13.88 -4.08
CA GLU A 67 -15.64 -14.63 -5.33
C GLU A 67 -14.25 -15.23 -5.42
N LEU A 68 -13.24 -14.49 -4.97
CA LEU A 68 -11.87 -15.01 -5.00
C LEU A 68 -11.69 -16.13 -3.97
N MSE A 69 -12.26 -15.97 -2.80
CA MSE A 69 -12.17 -17.00 -1.75
C MSE A 69 -12.75 -18.32 -2.24
O MSE A 69 -12.12 -19.36 -2.13
CB MSE A 69 -12.88 -16.55 -0.48
CG MSE A 69 -12.22 -15.37 0.22
SE MSE A 69 -10.42 -15.78 0.86
CE MSE A 69 -10.86 -17.12 2.19
N ASN A 70 -13.97 -18.27 -2.80
CA ASN A 70 -14.62 -19.49 -3.27
C ASN A 70 -13.87 -20.12 -4.44
N GLU A 71 -13.12 -19.32 -5.20
CA GLU A 71 -12.34 -19.87 -6.31
C GLU A 71 -11.08 -20.57 -5.83
N TYR A 72 -10.51 -20.14 -4.71
CA TYR A 72 -9.21 -20.65 -4.27
C TYR A 72 -9.25 -21.42 -2.96
N ASP A 73 -10.32 -21.27 -2.15
CA ASP A 73 -10.48 -22.08 -0.95
C ASP A 73 -11.06 -23.43 -1.35
N ARG A 74 -10.18 -24.29 -1.85
CA ARG A 74 -10.62 -25.58 -2.39
C ARG A 74 -11.06 -26.53 -1.28
N GLU A 75 -10.33 -26.55 -0.17
CA GLU A 75 -10.68 -27.42 0.95
C GLU A 75 -11.87 -26.88 1.75
N GLY A 76 -12.31 -25.66 1.50
CA GLY A 76 -13.47 -25.11 2.17
C GLY A 76 -13.30 -24.87 3.65
N ASN A 77 -12.17 -24.30 4.06
CA ASN A 77 -11.91 -24.01 5.46
C ASN A 77 -11.80 -22.51 5.75
N GLY A 78 -12.04 -21.66 4.75
CA GLY A 78 -11.99 -20.23 4.96
C GLY A 78 -10.60 -19.62 4.88
N TYR A 79 -9.64 -20.34 4.30
CA TYR A 79 -8.27 -19.84 4.17
C TYR A 79 -7.75 -20.15 2.78
N ILE A 80 -6.82 -19.32 2.32
CA ILE A 80 -6.10 -19.55 1.08
C ILE A 80 -4.60 -19.37 1.35
N GLY A 81 -3.79 -20.08 0.57
CA GLY A 81 -2.34 -20.02 0.74
C GLY A 81 -1.72 -18.87 -0.01
N PHE A 82 -0.39 -18.75 0.14
CA PHE A 82 0.33 -17.68 -0.54
C PHE A 82 0.31 -17.89 -2.06
N ASP A 83 0.50 -19.12 -2.52
CA ASP A 83 0.46 -19.40 -3.95
C ASP A 83 -0.91 -19.12 -4.53
N ASP A 84 -1.97 -19.28 -3.72
CA ASP A 84 -3.28 -18.80 -4.13
C ASP A 84 -3.27 -17.27 -4.25
N PHE A 85 -2.70 -16.60 -3.27
CA PHE A 85 -2.63 -15.14 -3.29
C PHE A 85 -1.71 -14.65 -4.42
N LEU A 86 -0.63 -15.38 -4.69
CA LEU A 86 0.27 -15.01 -5.77
C LEU A 86 -0.43 -15.09 -7.12
N ASP A 87 -1.27 -16.10 -7.32
CA ASP A 87 -1.99 -16.21 -8.58
C ASP A 87 -3.09 -15.16 -8.70
N ILE A 88 -3.70 -14.77 -7.59
CA ILE A 88 -4.71 -13.71 -7.62
C ILE A 88 -4.08 -12.40 -8.08
N MSE A 89 -2.96 -12.03 -7.46
CA MSE A 89 -2.29 -10.77 -7.80
C MSE A 89 -1.68 -10.83 -9.19
O MSE A 89 -1.50 -9.80 -9.84
CB MSE A 89 -1.21 -10.45 -6.76
CG MSE A 89 -1.76 -10.26 -5.36
SE MSE A 89 -3.36 -9.13 -5.33
CE MSE A 89 -2.62 -7.54 -6.20
N THR A 90 -1.35 -12.04 -9.65
CA THR A 90 -0.88 -12.20 -11.02
C THR A 90 -1.98 -11.87 -12.02
N GLU A 91 -3.19 -12.38 -11.77
CA GLU A 91 -4.30 -12.08 -12.67
C GLU A 91 -4.65 -10.59 -12.64
N LYS A 92 -4.57 -9.96 -11.47
CA LYS A 92 -4.98 -8.57 -11.37
C LYS A 92 -3.98 -7.63 -12.02
N ILE A 93 -2.68 -7.87 -11.83
CA ILE A 93 -1.68 -6.94 -12.33
C ILE A 93 -1.43 -7.13 -13.83
N LYS A 94 -1.28 -8.38 -14.27
CA LYS A 94 -0.98 -8.65 -15.67
C LYS A 94 -2.14 -8.34 -16.60
N ASN A 95 -3.33 -8.09 -16.07
CA ASN A 95 -4.48 -7.73 -16.91
C ASN A 95 -4.93 -6.30 -16.64
N LEU B 21 13.51 13.89 -0.49
CA LEU B 21 13.31 12.45 -0.34
C LEU B 21 14.64 11.73 -0.18
N SER B 22 14.74 10.91 0.85
CA SER B 22 15.96 10.15 1.10
C SER B 22 16.03 8.92 0.20
N GLU B 23 17.16 8.22 0.29
CA GLU B 23 17.34 7.00 -0.50
C GLU B 23 16.32 5.93 -0.10
N GLU B 24 16.03 5.82 1.20
CA GLU B 24 15.02 4.87 1.65
C GLU B 24 13.65 5.23 1.09
N GLN B 25 13.31 6.52 1.07
CA GLN B 25 12.02 6.94 0.52
C GLN B 25 11.97 6.72 -0.99
N LYS B 26 13.07 7.02 -1.69
CA LYS B 26 13.09 6.86 -3.13
C LYS B 26 13.00 5.39 -3.53
N GLN B 27 13.62 4.51 -2.75
CA GLN B 27 13.50 3.08 -3.02
C GLN B 27 12.06 2.62 -2.89
N GLU B 28 11.34 3.09 -1.86
CA GLU B 28 9.95 2.72 -1.69
C GLU B 28 9.08 3.22 -2.84
N ILE B 29 9.35 4.43 -3.33
CA ILE B 29 8.67 4.91 -4.52
C ILE B 29 9.03 4.03 -5.72
N LYS B 30 10.28 3.56 -5.77
CA LYS B 30 10.69 2.69 -6.87
C LYS B 30 10.01 1.33 -6.79
N GLU B 31 9.78 0.82 -5.58
CA GLU B 31 9.11 -0.48 -5.45
C GLU B 31 7.68 -0.42 -5.95
N ALA B 32 6.98 0.69 -5.70
CA ALA B 32 5.61 0.84 -6.19
C ALA B 32 5.58 0.94 -7.71
N PHE B 33 6.59 1.56 -8.31
CA PHE B 33 6.63 1.67 -9.76
C PHE B 33 6.95 0.34 -10.42
N ASP B 34 7.93 -0.40 -9.88
CA ASP B 34 8.33 -1.67 -10.48
C ASP B 34 7.29 -2.76 -10.32
N LEU B 35 6.37 -2.61 -9.37
CA LEU B 35 5.34 -3.63 -9.18
C LEU B 35 4.34 -3.62 -10.33
N PHE B 36 4.00 -2.45 -10.85
CA PHE B 36 3.00 -2.32 -11.90
C PHE B 36 3.61 -2.02 -13.26
N ASP B 37 4.94 -2.15 -13.39
CA ASP B 37 5.60 -2.09 -14.70
C ASP B 37 5.43 -3.45 -15.34
N THR B 38 4.30 -3.62 -16.05
CA THR B 38 3.89 -4.95 -16.49
C THR B 38 4.89 -5.54 -17.50
N ASN B 39 5.29 -4.76 -18.49
CA ASN B 39 6.16 -5.22 -19.56
C ASN B 39 7.62 -4.84 -19.36
N LYS B 40 8.00 -4.41 -18.16
CA LYS B 40 9.37 -3.98 -17.85
C LYS B 40 9.83 -2.87 -18.79
N THR B 41 8.89 -2.05 -19.28
CA THR B 41 9.22 -0.97 -20.21
C THR B 41 9.83 0.24 -19.53
N GLY B 42 9.78 0.32 -18.20
CA GLY B 42 10.14 1.53 -17.52
C GLY B 42 9.11 2.62 -17.63
N SER B 43 7.87 2.26 -17.99
CA SER B 43 6.79 3.22 -18.15
C SER B 43 5.50 2.62 -17.64
N ILE B 44 4.58 3.48 -17.22
CA ILE B 44 3.27 3.06 -16.75
C ILE B 44 2.20 3.89 -17.46
N ASP B 45 1.05 3.26 -17.70
CA ASP B 45 -0.07 3.92 -18.33
C ASP B 45 -1.08 4.36 -17.26
N TYR B 46 -2.22 4.88 -17.71
CA TYR B 46 -3.21 5.42 -16.78
C TYR B 46 -3.55 4.49 -15.63
N HIS B 47 -3.97 3.26 -15.95
CA HIS B 47 -4.40 2.33 -14.91
C HIS B 47 -3.27 1.97 -13.96
N GLU B 48 -2.07 1.77 -14.49
CA GLU B 48 -0.93 1.41 -13.65
C GLU B 48 -0.51 2.56 -12.74
N LEU B 49 -0.68 3.80 -13.20
CA LEU B 49 -0.42 4.94 -12.34
C LEU B 49 -1.45 5.01 -11.20
N LYS B 50 -2.70 4.70 -11.50
CA LYS B 50 -3.76 4.79 -10.51
C LYS B 50 -3.52 3.82 -9.35
N VAL B 51 -3.19 2.57 -9.66
CA VAL B 51 -2.99 1.58 -8.61
C VAL B 51 -1.66 1.80 -7.90
N ALA B 52 -0.67 2.38 -8.59
CA ALA B 52 0.62 2.62 -7.96
C ALA B 52 0.52 3.72 -6.90
N MSE B 53 -0.23 4.77 -7.19
CA MSE B 53 -0.43 5.86 -6.23
C MSE B 53 -1.28 5.37 -5.07
O MSE B 53 -1.05 5.76 -3.92
CB MSE B 53 -1.08 7.07 -6.90
CG MSE B 53 -0.27 7.64 -8.04
SE MSE B 53 -1.01 9.31 -8.72
CE MSE B 53 -0.70 10.44 -7.16
N ARG B 54 -2.26 4.52 -5.36
CA ARG B 54 -3.08 3.92 -4.30
C ARG B 54 -2.28 2.94 -3.47
N ALA B 55 -1.28 2.29 -4.07
CA ALA B 55 -0.38 1.43 -3.30
C ALA B 55 0.48 2.22 -2.33
N LEU B 56 0.64 3.51 -2.56
CA LEU B 56 1.37 4.38 -1.64
C LEU B 56 0.44 5.14 -0.69
N GLY B 57 -0.83 4.77 -0.65
CA GLY B 57 -1.76 5.35 0.30
C GLY B 57 -2.55 6.55 -0.17
N PHE B 58 -2.54 6.85 -1.48
CA PHE B 58 -3.22 8.01 -2.02
C PHE B 58 -4.42 7.56 -2.84
N ASP B 59 -5.62 7.84 -2.34
CA ASP B 59 -6.86 7.51 -3.04
C ASP B 59 -7.07 8.57 -4.12
N VAL B 60 -6.50 8.32 -5.30
CA VAL B 60 -6.59 9.24 -6.43
C VAL B 60 -7.74 8.80 -7.32
N LYS B 61 -8.47 9.78 -7.86
CA LYS B 61 -9.58 9.54 -8.75
C LYS B 61 -9.22 9.90 -10.18
N LYS B 62 -10.08 9.47 -11.11
CA LYS B 62 -9.82 9.66 -12.54
C LYS B 62 -9.49 11.08 -12.94
N PRO B 63 -10.18 12.14 -12.47
CA PRO B 63 -9.82 13.49 -12.91
C PRO B 63 -8.41 13.89 -12.52
N GLU B 64 -7.94 13.53 -11.33
CA GLU B 64 -6.60 13.88 -10.92
C GLU B 64 -5.55 13.10 -11.71
N ILE B 65 -5.82 11.83 -11.98
CA ILE B 65 -4.85 11.00 -12.70
C ILE B 65 -4.69 11.49 -14.13
N LEU B 66 -5.80 11.82 -14.80
CA LEU B 66 -5.72 12.34 -16.16
C LEU B 66 -5.00 13.68 -16.19
N GLU B 67 -5.16 14.50 -15.15
CA GLU B 67 -4.45 15.77 -15.08
C GLU B 67 -2.95 15.54 -14.92
N LEU B 68 -2.57 14.49 -14.17
CA LEU B 68 -1.16 14.17 -13.99
C LEU B 68 -0.54 13.64 -15.28
N MSE B 69 -1.28 12.78 -15.99
CA MSE B 69 -0.81 12.24 -17.26
C MSE B 69 -0.56 13.35 -18.26
O MSE B 69 0.50 13.41 -18.89
CB MSE B 69 -1.82 11.23 -17.83
CG MSE B 69 -2.04 9.99 -16.97
SE MSE B 69 -0.44 8.86 -16.84
CE MSE B 69 -0.24 8.42 -18.73
N ASN B 70 -1.53 14.25 -18.40
CA ASN B 70 -1.40 15.36 -19.34
C ASN B 70 -0.22 16.27 -19.00
N GLU B 71 0.12 16.38 -17.71
CA GLU B 71 1.26 17.21 -17.34
C GLU B 71 2.58 16.54 -17.70
N TYR B 72 2.69 15.23 -17.48
CA TYR B 72 3.96 14.54 -17.59
C TYR B 72 4.12 13.72 -18.86
N ASP B 73 3.03 13.34 -19.52
CA ASP B 73 3.13 12.66 -20.81
C ASP B 73 3.43 13.71 -21.87
N ARG B 74 4.72 14.06 -21.97
CA ARG B 74 5.16 15.10 -22.89
C ARG B 74 5.16 14.61 -24.34
N GLU B 75 5.56 13.36 -24.57
CA GLU B 75 5.53 12.80 -25.92
C GLU B 75 4.11 12.56 -26.41
N GLY B 76 3.14 12.42 -25.51
CA GLY B 76 1.78 12.17 -25.92
C GLY B 76 1.52 10.75 -26.39
N ASN B 77 2.11 9.76 -25.72
CA ASN B 77 1.94 8.37 -26.09
C ASN B 77 1.21 7.54 -25.03
N GLY B 78 0.74 8.17 -23.95
CA GLY B 78 0.02 7.44 -22.94
C GLY B 78 0.87 6.75 -21.89
N TYR B 79 2.13 7.16 -21.74
CA TYR B 79 3.03 6.57 -20.78
C TYR B 79 3.87 7.64 -20.12
N ILE B 80 4.27 7.39 -18.86
CA ILE B 80 5.19 8.24 -18.13
C ILE B 80 6.29 7.38 -17.54
N GLY B 81 7.48 7.96 -17.38
CA GLY B 81 8.60 7.25 -16.83
C GLY B 81 8.63 7.30 -15.30
N PHE B 82 9.62 6.61 -14.75
CA PHE B 82 9.77 6.58 -13.29
C PHE B 82 10.08 7.96 -12.73
N ASP B 83 10.96 8.71 -13.41
CA ASP B 83 11.30 10.05 -12.94
C ASP B 83 10.10 10.98 -13.01
N ASP B 84 9.17 10.73 -13.93
CA ASP B 84 7.88 11.41 -13.89
C ASP B 84 7.10 10.99 -12.65
N PHE B 85 7.07 9.69 -12.36
CA PHE B 85 6.37 9.19 -11.18
C PHE B 85 7.06 9.65 -9.90
N LEU B 86 8.39 9.72 -9.90
CA LEU B 86 9.11 10.18 -8.73
C LEU B 86 8.78 11.63 -8.41
N ASP B 87 8.67 12.47 -9.44
CA ASP B 87 8.33 13.87 -9.22
C ASP B 87 6.88 14.03 -8.78
N ILE B 88 5.98 13.16 -9.26
CA ILE B 88 4.59 13.23 -8.84
C ILE B 88 4.46 12.95 -7.35
N MSE B 89 5.12 11.89 -6.88
CA MSE B 89 5.06 11.51 -5.48
C MSE B 89 5.82 12.50 -4.60
O MSE B 89 5.53 12.63 -3.41
CB MSE B 89 5.60 10.10 -5.27
CG MSE B 89 4.85 9.04 -6.07
SE MSE B 89 2.92 9.19 -5.86
CE MSE B 89 2.82 9.10 -3.92
N THR B 90 6.79 13.19 -5.20
CA THR B 90 7.53 14.21 -4.45
C THR B 90 6.62 15.37 -4.07
N GLU B 91 5.80 15.84 -5.01
CA GLU B 91 4.91 16.96 -4.73
C GLU B 91 3.71 16.53 -3.89
N LYS B 92 3.31 15.25 -3.97
CA LYS B 92 2.21 14.78 -3.15
C LYS B 92 2.62 14.54 -1.70
N ILE B 93 3.85 14.12 -1.46
CA ILE B 93 4.32 13.85 -0.11
C ILE B 93 5.01 15.05 0.50
N LYS B 94 5.89 15.71 -0.25
CA LYS B 94 6.59 16.89 0.24
C LYS B 94 5.94 18.17 -0.29
N LEU C 21 4.08 -10.00 16.62
CA LEU C 21 4.46 -9.44 15.33
C LEU C 21 5.94 -9.69 15.05
N SER C 22 6.22 -10.37 13.95
CA SER C 22 7.59 -10.77 13.64
C SER C 22 8.44 -9.55 13.28
N GLU C 23 9.75 -9.78 13.15
CA GLU C 23 10.66 -8.70 12.81
C GLU C 23 10.44 -8.18 11.40
N GLU C 24 10.06 -9.06 10.47
CA GLU C 24 9.82 -8.61 9.11
C GLU C 24 8.53 -7.79 9.00
N GLN C 25 7.54 -8.10 9.83
CA GLN C 25 6.31 -7.30 9.84
C GLN C 25 6.57 -5.90 10.39
N LYS C 26 7.45 -5.79 11.40
CA LYS C 26 7.78 -4.49 11.96
C LYS C 26 8.56 -3.64 10.96
N GLN C 27 9.38 -4.26 10.12
CA GLN C 27 10.09 -3.51 9.10
C GLN C 27 9.14 -2.90 8.08
N GLU C 28 8.11 -3.65 7.68
CA GLU C 28 7.13 -3.11 6.74
C GLU C 28 6.36 -1.94 7.34
N ILE C 29 6.02 -2.04 8.63
CA ILE C 29 5.36 -0.93 9.31
C ILE C 29 6.29 0.27 9.39
N LYS C 30 7.59 0.02 9.59
CA LYS C 30 8.57 1.10 9.62
C LYS C 30 8.70 1.77 8.26
N GLU C 31 8.57 1.00 7.17
CA GLU C 31 8.67 1.59 5.84
C GLU C 31 7.54 2.56 5.58
N ALA C 32 6.31 2.20 5.99
CA ALA C 32 5.17 3.10 5.80
C ALA C 32 5.34 4.39 6.60
N PHE C 33 5.89 4.29 7.81
CA PHE C 33 6.10 5.48 8.62
C PHE C 33 7.19 6.37 8.04
N ASP C 34 8.29 5.76 7.57
CA ASP C 34 9.41 6.53 7.05
C ASP C 34 9.11 7.17 5.71
N LEU C 35 8.16 6.63 4.95
CA LEU C 35 7.82 7.23 3.66
C LEU C 35 7.20 8.61 3.83
N PHE C 36 6.37 8.78 4.87
CA PHE C 36 5.70 10.05 5.13
C PHE C 36 6.36 10.81 6.27
N ASP C 37 7.56 10.42 6.68
CA ASP C 37 8.36 11.20 7.63
C ASP C 37 9.01 12.32 6.84
N THR C 38 8.25 13.40 6.66
CA THR C 38 8.65 14.45 5.72
C THR C 38 9.92 15.15 6.17
N ASN C 39 9.95 15.63 7.41
CA ASN C 39 11.07 16.44 7.91
C ASN C 39 12.10 15.61 8.67
N LYS C 40 12.09 14.29 8.49
CA LYS C 40 13.00 13.35 9.17
C LYS C 40 12.94 13.48 10.68
N THR C 41 11.82 13.96 11.22
CA THR C 41 11.57 13.88 12.65
C THR C 41 11.13 12.45 12.96
N GLY C 42 10.76 12.21 14.21
CA GLY C 42 10.18 10.92 14.56
C GLY C 42 8.67 10.97 14.67
N SER C 43 8.04 11.86 13.90
CA SER C 43 6.64 12.18 14.10
C SER C 43 5.91 12.27 12.77
N ILE C 44 4.61 12.00 12.82
CA ILE C 44 3.69 12.19 11.72
C ILE C 44 2.48 12.96 12.23
N ASP C 45 1.93 13.82 11.38
CA ASP C 45 0.76 14.62 11.75
C ASP C 45 -0.49 13.91 11.23
N TYR C 46 -1.65 14.53 11.46
CA TYR C 46 -2.92 13.95 11.00
C TYR C 46 -2.88 13.42 9.57
N HIS C 47 -2.54 14.27 8.61
CA HIS C 47 -2.56 13.87 7.21
C HIS C 47 -1.59 12.73 6.94
N GLU C 48 -0.39 12.80 7.52
CA GLU C 48 0.61 11.76 7.29
C GLU C 48 0.20 10.44 7.91
N LEU C 49 -0.57 10.46 9.01
CA LEU C 49 -1.07 9.22 9.58
C LEU C 49 -2.13 8.60 8.68
N LYS C 50 -2.97 9.43 8.06
CA LYS C 50 -4.02 8.91 7.18
C LYS C 50 -3.43 8.15 6.01
N VAL C 51 -2.47 8.75 5.31
CA VAL C 51 -1.89 8.11 4.14
C VAL C 51 -1.02 6.92 4.54
N ALA C 52 -0.40 6.98 5.71
CA ALA C 52 0.44 5.87 6.16
C ALA C 52 -0.38 4.62 6.42
N MSE C 53 -1.55 4.77 7.04
CA MSE C 53 -2.43 3.64 7.29
C MSE C 53 -3.07 3.14 5.99
O MSE C 53 -3.25 1.94 5.81
CB MSE C 53 -3.53 4.03 8.29
CG MSE C 53 -2.98 4.48 9.64
SE MSE C 53 -4.38 4.72 10.98
CE MSE C 53 -4.96 2.87 11.14
N ARG C 54 -3.39 4.08 5.10
CA ARG C 54 -3.92 3.70 3.80
C ARG C 54 -2.86 3.01 2.95
N ALA C 55 -1.58 3.35 3.14
CA ALA C 55 -0.51 2.66 2.45
C ALA C 55 -0.35 1.22 2.93
N LEU C 56 -0.93 0.88 4.08
CA LEU C 56 -0.89 -0.48 4.60
C LEU C 56 -2.19 -1.23 4.38
N GLY C 57 -3.12 -0.65 3.61
CA GLY C 57 -4.34 -1.33 3.24
C GLY C 57 -5.57 -1.00 4.06
N PHE C 58 -5.46 -0.08 5.02
CA PHE C 58 -6.59 0.31 5.86
C PHE C 58 -7.09 1.68 5.40
N ASP C 59 -8.27 1.69 4.78
CA ASP C 59 -8.87 2.93 4.29
C ASP C 59 -9.63 3.62 5.43
N VAL C 60 -8.84 4.23 6.33
CA VAL C 60 -9.41 4.91 7.47
C VAL C 60 -10.01 6.24 7.05
N LYS C 61 -10.97 6.72 7.83
CA LYS C 61 -11.62 8.00 7.61
C LYS C 61 -11.31 8.96 8.75
N LYS C 62 -11.75 10.20 8.58
CA LYS C 62 -11.40 11.28 9.50
C LYS C 62 -11.77 10.99 10.96
N PRO C 63 -12.98 10.56 11.30
CA PRO C 63 -13.30 10.35 12.73
C PRO C 63 -12.42 9.32 13.41
N GLU C 64 -11.97 8.29 12.67
CA GLU C 64 -11.10 7.30 13.27
C GLU C 64 -9.69 7.83 13.47
N ILE C 65 -9.20 8.63 12.51
CA ILE C 65 -7.85 9.16 12.62
C ILE C 65 -7.75 10.15 13.78
N LEU C 66 -8.73 11.05 13.89
CA LEU C 66 -8.74 11.98 15.01
C LEU C 66 -8.89 11.25 16.34
N GLU C 67 -9.58 10.11 16.35
CA GLU C 67 -9.69 9.31 17.56
C GLU C 67 -8.34 8.73 17.95
N LEU C 68 -7.57 8.25 16.95
CA LEU C 68 -6.26 7.68 17.24
C LEU C 68 -5.26 8.76 17.66
N MSE C 69 -5.34 9.93 17.04
CA MSE C 69 -4.46 11.04 17.41
C MSE C 69 -4.67 11.44 18.86
O MSE C 69 -3.72 11.57 19.61
CB MSE C 69 -4.70 12.25 16.49
CG MSE C 69 -4.29 12.01 15.04
SE MSE C 69 -2.38 11.75 14.79
CE MSE C 69 -1.77 13.55 15.25
N ASN C 70 -5.94 11.60 19.25
CA ASN C 70 -6.24 12.00 20.63
C ASN C 70 -5.76 10.97 21.64
N GLU C 71 -5.74 9.69 21.26
CA GLU C 71 -5.29 8.66 22.17
C GLU C 71 -3.77 8.62 22.32
N TYR C 72 -3.04 8.93 21.25
CA TYR C 72 -1.59 8.79 21.25
C TYR C 72 -0.83 10.10 21.26
N ASP C 73 -1.47 11.23 20.93
CA ASP C 73 -0.83 12.54 21.03
C ASP C 73 -0.98 13.04 22.47
N ARG C 74 -0.25 12.37 23.37
CA ARG C 74 -0.35 12.67 24.79
C ARG C 74 0.17 14.07 25.10
N GLU C 75 1.25 14.50 24.42
CA GLU C 75 1.79 15.82 24.66
C GLU C 75 0.91 16.93 24.07
N GLY C 76 0.05 16.60 23.12
CA GLY C 76 -0.90 17.56 22.58
C GLY C 76 -0.28 18.61 21.67
N ASN C 77 0.54 18.18 20.72
CA ASN C 77 1.11 19.09 19.73
C ASN C 77 0.80 18.67 18.30
N GLY C 78 -0.10 17.72 18.11
CA GLY C 78 -0.48 17.29 16.77
C GLY C 78 0.47 16.32 16.11
N TYR C 79 1.26 15.59 16.89
CA TYR C 79 2.21 14.63 16.34
C TYR C 79 2.21 13.36 17.20
N ILE C 80 2.52 12.24 16.56
CA ILE C 80 2.71 10.96 17.23
C ILE C 80 3.98 10.32 16.70
N GLY C 81 4.60 9.48 17.53
CA GLY C 81 5.83 8.82 17.18
C GLY C 81 5.62 7.49 16.46
N PHE C 82 6.74 6.89 16.06
CA PHE C 82 6.68 5.59 15.39
C PHE C 82 6.14 4.50 16.33
N ASP C 83 6.59 4.50 17.57
CA ASP C 83 6.10 3.51 18.53
C ASP C 83 4.62 3.68 18.81
N ASP C 84 4.11 4.90 18.71
CA ASP C 84 2.66 5.10 18.69
C ASP C 84 2.06 4.49 17.43
N PHE C 85 2.70 4.71 16.29
CA PHE C 85 2.20 4.16 15.03
C PHE C 85 2.31 2.64 15.01
N LEU C 86 3.41 2.09 15.57
CA LEU C 86 3.55 0.65 15.63
C LEU C 86 2.45 0.02 16.47
N ASP C 87 2.08 0.66 17.57
CA ASP C 87 1.03 0.13 18.43
C ASP C 87 -0.34 0.23 17.76
N ILE C 88 -0.57 1.29 16.99
CA ILE C 88 -1.82 1.44 16.26
C ILE C 88 -1.99 0.30 15.26
N MSE C 89 -0.96 0.03 14.48
CA MSE C 89 -1.02 -1.00 13.46
C MSE C 89 -1.06 -2.40 14.06
O MSE C 89 -1.64 -3.32 13.50
CB MSE C 89 0.16 -0.89 12.50
CG MSE C 89 0.20 0.43 11.74
SE MSE C 89 -1.53 0.89 10.95
CE MSE C 89 -1.81 -0.73 9.90
N THR C 90 -0.44 -2.55 15.24
CA THR C 90 -0.51 -3.83 15.94
C THR C 90 -1.94 -4.14 16.36
N GLU C 91 -2.66 -3.15 16.87
CA GLU C 91 -4.05 -3.35 17.27
C GLU C 91 -4.95 -3.57 16.06
N LYS C 92 -4.65 -2.93 14.93
CA LYS C 92 -5.50 -3.06 13.75
C LYS C 92 -5.31 -4.41 13.08
N ILE C 93 -4.07 -4.87 12.95
CA ILE C 93 -3.81 -6.13 12.27
C ILE C 93 -4.18 -7.33 13.14
N LYS C 94 -4.12 -7.19 14.46
CA LYS C 94 -4.43 -8.29 15.38
C LYS C 94 -5.82 -8.16 16.00
N ASN C 95 -6.71 -7.41 15.35
CA ASN C 95 -8.12 -7.26 15.74
C ASN C 95 -8.40 -7.31 17.25
CA CA D . 0.58 -0.11 0.05
CA CA E . -3.76 -16.29 8.90
CL CL F . -10.72 -3.44 -8.35
CA CA G . 5.95 10.85 -22.33
CA CA H . 4.24 -0.74 -18.51
CL CL I . 5.74 18.92 -15.07
CA CA J . 6.89 14.74 10.23
#